data_6IEJ
#
_entry.id   6IEJ
#
_cell.length_a   108.294
_cell.length_b   187.388
_cell.length_c   68.754
_cell.angle_alpha   90.00
_cell.angle_beta   90.00
_cell.angle_gamma   90.00
#
_symmetry.space_group_name_H-M   'C 2 2 2'
#
loop_
_entity.id
_entity.type
_entity.pdbx_description
1 polymer 'Cytosolic phospholipase A2'
2 non-polymer 'CALCIUM ION'
3 non-polymer 'MAGNESIUM ION'
4 non-polymer 1,2-dihexanoyl-sn-glycero-3-phosphocholine
5 water water
#
_entity_poly.entity_id   1
_entity_poly.type   'polypeptide(L)'
_entity_poly.pdbx_seq_one_letter_code
;GSYSHVFTVTVRKATNVTKGAIGDMLDTPDPYVELFIPSAPDCRKRTKHFNNDVNPVWNETFEFILDPNQDNVLEVTLMD
ANYVMDETLGMATFPISSLKLGEKKEVQLTFNNVTEMTLELSLEVCS
;
_entity_poly.pdbx_strand_id   A,B,C
#
loop_
_chem_comp.id
_chem_comp.type
_chem_comp.name
_chem_comp.formula
CA non-polymer 'CALCIUM ION' 'Ca 2'
HXG non-polymer 1,2-dihexanoyl-sn-glycero-3-phosphocholine 'C20 H41 N O8 P 1'
MG non-polymer 'MAGNESIUM ION' 'Mg 2'
#
# COMPACT_ATOMS: atom_id res chain seq x y z
N SER A 2 4.28 22.00 44.11
CA SER A 2 3.40 20.90 43.74
C SER A 2 3.09 20.91 42.24
N TYR A 3 2.87 19.73 41.66
CA TYR A 3 2.56 19.60 40.24
C TYR A 3 1.04 19.52 40.10
N SER A 4 0.43 20.61 39.65
CA SER A 4 -1.02 20.74 39.67
C SER A 4 -1.60 21.30 38.37
N HIS A 5 -0.81 21.41 37.30
CA HIS A 5 -1.28 21.90 36.02
C HIS A 5 -1.22 20.78 34.99
N VAL A 6 -2.33 20.55 34.29
CA VAL A 6 -2.43 19.53 33.26
C VAL A 6 -2.29 20.21 31.91
N PHE A 7 -1.19 19.95 31.22
CA PHE A 7 -0.89 20.56 29.93
C PHE A 7 -1.09 19.50 28.84
N THR A 8 -2.16 19.63 28.07
CA THR A 8 -2.52 18.66 27.04
C THR A 8 -1.98 19.11 25.68
N VAL A 9 -1.34 18.19 24.97
CA VAL A 9 -0.82 18.47 23.65
C VAL A 9 -1.35 17.47 22.63
N THR A 10 -2.03 17.97 21.61
CA THR A 10 -2.45 17.11 20.51
C THR A 10 -1.64 17.48 19.27
N VAL A 11 -0.79 16.54 18.85
CA VAL A 11 -0.06 16.67 17.60
C VAL A 11 -0.98 16.21 16.48
N ARG A 12 -1.44 17.14 15.65
N ARG A 12 -1.45 17.15 15.66
CA ARG A 12 -2.42 16.82 14.62
CA ARG A 12 -2.44 16.84 14.63
C ARG A 12 -1.74 16.34 13.34
C ARG A 12 -1.78 16.36 13.32
N LYS A 13 -0.95 17.21 12.71
CA LYS A 13 -0.34 16.90 11.43
C LYS A 13 0.79 17.86 11.07
N ALA A 14 1.50 17.52 9.98
CA ALA A 14 2.53 18.38 9.42
C ALA A 14 2.38 18.44 7.90
N THR A 15 2.92 19.50 7.30
CA THR A 15 2.85 19.65 5.85
C THR A 15 4.21 19.96 5.27
N ASN A 16 4.53 19.29 4.17
CA ASN A 16 5.79 19.48 3.45
C ASN A 16 7.01 19.26 4.35
N VAL A 17 7.05 18.11 5.00
CA VAL A 17 8.22 17.70 5.75
C VAL A 17 9.36 17.46 4.77
N THR A 18 10.54 18.00 5.06
CA THR A 18 11.68 17.84 4.15
C THR A 18 13.00 17.69 4.88
N LYS A 19 13.90 16.90 4.30
CA LYS A 19 15.26 16.76 4.81
C LYS A 19 16.18 17.66 3.99
N GLY A 20 15.58 18.43 3.08
CA GLY A 20 16.35 19.21 2.12
C GLY A 20 16.30 18.58 0.74
N ALA A 21 16.80 19.30 -0.25
CA ALA A 21 16.77 18.85 -1.64
C ALA A 21 17.46 17.51 -1.84
N ILE A 22 18.71 17.41 -1.38
CA ILE A 22 19.50 16.18 -1.57
C ILE A 22 18.99 15.06 -0.66
N GLY A 23 18.70 15.40 0.59
CA GLY A 23 18.21 14.42 1.55
C GLY A 23 16.92 13.73 1.11
N ASP A 24 16.02 14.50 0.51
CA ASP A 24 14.74 13.95 0.04
C ASP A 24 14.95 12.99 -1.14
N MET A 25 15.96 13.24 -1.96
CA MET A 25 16.27 12.36 -3.10
C MET A 25 16.72 10.98 -2.63
N LEU A 26 17.48 10.95 -1.54
CA LEU A 26 17.94 9.70 -0.97
C LEU A 26 16.86 8.98 -0.17
N ASP A 27 16.05 9.74 0.54
CA ASP A 27 15.12 9.15 1.50
C ASP A 27 13.90 10.04 1.74
N THR A 28 12.73 9.59 1.30
CA THR A 28 11.50 10.31 1.60
C THR A 28 11.27 10.27 3.11
N PRO A 29 11.11 11.38 3.73
CA PRO A 29 10.94 11.48 5.18
C PRO A 29 9.92 10.51 5.73
N ASP A 30 10.30 9.96 6.88
CA ASP A 30 9.41 9.04 7.59
C ASP A 30 9.13 9.62 8.97
N PRO A 31 8.22 10.60 9.03
CA PRO A 31 8.24 11.54 10.16
C PRO A 31 7.53 11.07 11.42
N TYR A 32 8.10 11.44 12.55
CA TYR A 32 7.40 11.41 13.83
C TYR A 32 7.80 12.64 14.63
N VAL A 33 7.03 12.92 15.68
CA VAL A 33 7.25 14.10 16.50
C VAL A 33 7.62 13.70 17.92
N GLU A 34 8.57 14.40 18.50
CA GLU A 34 8.93 14.16 19.89
C GLU A 34 8.67 15.40 20.74
N LEU A 35 8.05 15.22 21.90
CA LEU A 35 7.71 16.32 22.79
C LEU A 35 8.51 16.24 24.08
N PHE A 36 9.08 17.37 24.49
CA PHE A 36 9.99 17.39 25.63
C PHE A 36 9.80 18.63 26.50
N ILE A 37 9.48 18.41 27.78
CA ILE A 37 9.40 19.47 28.77
C ILE A 37 10.31 19.10 29.93
N PRO A 38 11.52 19.70 29.97
CA PRO A 38 12.54 19.33 30.95
C PRO A 38 12.09 19.48 32.41
N SER A 39 11.17 20.40 32.67
CA SER A 39 10.71 20.63 34.03
C SER A 39 9.55 19.71 34.42
N ALA A 40 9.04 18.87 33.47
CA ALA A 40 7.93 17.96 33.72
C ALA A 40 8.42 16.62 34.26
N PRO A 41 7.62 15.92 35.06
CA PRO A 41 8.08 14.64 35.62
C PRO A 41 8.32 13.56 34.58
N ASP A 42 7.50 13.48 33.53
CA ASP A 42 7.86 12.65 32.39
C ASP A 42 8.36 13.55 31.28
N CYS A 43 9.69 13.62 31.16
CA CYS A 43 10.34 14.54 30.24
C CYS A 43 9.98 14.37 28.76
N ARG A 44 9.92 13.13 28.28
CA ARG A 44 9.92 12.87 26.84
C ARG A 44 8.75 11.98 26.42
N LYS A 45 8.12 12.36 25.30
CA LYS A 45 7.05 11.60 24.67
C LYS A 45 7.21 11.72 23.15
N ARG A 46 6.52 10.85 22.41
CA ARG A 46 6.62 10.89 20.95
C ARG A 46 5.42 10.22 20.30
N THR A 47 5.14 10.64 19.06
CA THR A 47 4.18 10.01 18.18
C THR A 47 4.79 8.82 17.45
N LYS A 48 3.95 8.03 16.80
CA LYS A 48 4.49 7.00 15.92
C LYS A 48 4.96 7.67 14.63
N HIS A 49 5.70 6.94 13.81
CA HIS A 49 6.16 7.47 12.54
C HIS A 49 5.27 6.96 11.41
N PHE A 50 5.26 7.67 10.29
CA PHE A 50 4.63 7.17 9.07
C PHE A 50 5.69 7.08 7.98
N ASN A 51 5.77 5.94 7.30
CA ASN A 51 6.78 5.77 6.26
C ASN A 51 6.47 6.57 5.01
N ASN A 52 7.48 7.28 4.50
CA ASN A 52 7.39 7.93 3.19
C ASN A 52 6.14 8.82 3.04
N ASP A 53 6.00 9.80 3.91
CA ASP A 53 4.83 10.66 3.93
C ASP A 53 5.24 12.06 4.35
N VAL A 54 5.30 12.98 3.39
CA VAL A 54 5.74 14.35 3.70
C VAL A 54 4.62 15.21 4.29
N ASN A 55 3.39 14.69 4.30
CA ASN A 55 2.28 15.34 5.01
C ASN A 55 1.60 14.36 5.94
N PRO A 56 2.28 13.99 7.04
CA PRO A 56 1.72 12.99 7.96
C PRO A 56 0.61 13.54 8.83
N VAL A 57 -0.33 12.68 9.19
CA VAL A 57 -1.43 13.01 10.09
C VAL A 57 -1.36 12.04 11.27
N TRP A 58 -1.16 12.57 12.47
CA TRP A 58 -0.99 11.72 13.66
C TRP A 58 -2.23 11.72 14.56
N ASN A 59 -2.77 12.91 14.82
CA ASN A 59 -3.88 13.09 15.76
C ASN A 59 -3.66 12.36 17.09
N GLU A 60 -2.47 12.50 17.66
CA GLU A 60 -2.15 11.84 18.93
C GLU A 60 -2.12 12.86 20.06
N THR A 61 -2.75 12.51 21.17
CA THR A 61 -2.91 13.42 22.31
C THR A 61 -2.04 12.98 23.50
N PHE A 62 -1.26 13.91 24.04
CA PHE A 62 -0.40 13.62 25.18
C PHE A 62 -0.74 14.52 26.35
N GLU A 63 -0.46 14.05 27.57
CA GLU A 63 -0.72 14.83 28.77
C GLU A 63 0.53 14.98 29.64
N PHE A 64 0.89 16.22 29.94
CA PHE A 64 2.00 16.52 30.86
C PHE A 64 1.46 17.09 32.16
N ILE A 65 2.17 16.83 33.25
CA ILE A 65 1.82 17.39 34.54
C ILE A 65 2.85 18.45 34.92
N LEU A 66 2.41 19.67 35.21
CA LEU A 66 3.32 20.80 35.31
C LEU A 66 3.28 21.45 36.69
N ASP A 67 4.43 22.00 37.08
CA ASP A 67 4.54 22.80 38.29
C ASP A 67 4.42 24.26 37.92
N PRO A 68 3.41 24.99 38.40
CA PRO A 68 3.27 26.40 38.00
C PRO A 68 4.42 27.29 38.43
N ASN A 69 5.25 26.85 39.37
CA ASN A 69 6.36 27.64 39.89
C ASN A 69 7.69 27.29 39.24
N GLN A 70 7.66 26.49 38.20
CA GLN A 70 8.87 26.13 37.48
C GLN A 70 8.71 26.71 36.10
N ASP A 71 9.80 26.97 35.43
CA ASP A 71 9.75 27.53 34.11
C ASP A 71 9.47 26.33 33.21
N ASN A 72 8.32 26.30 32.57
CA ASN A 72 7.99 25.18 31.72
C ASN A 72 7.95 25.57 30.27
N VAL A 73 8.83 24.99 29.50
CA VAL A 73 8.90 25.28 28.07
C VAL A 73 8.83 23.99 27.26
N LEU A 74 7.95 23.98 26.26
CA LEU A 74 7.75 22.81 25.41
C LEU A 74 8.72 22.80 24.23
N GLU A 75 9.46 21.70 24.10
CA GLU A 75 10.36 21.52 22.96
C GLU A 75 9.78 20.51 21.98
N VAL A 76 9.47 20.96 20.78
CA VAL A 76 8.89 20.09 19.76
C VAL A 76 9.94 19.72 18.72
N THR A 77 10.27 18.44 18.63
CA THR A 77 11.28 17.99 17.67
C THR A 77 10.66 17.18 16.55
N LEU A 78 10.89 17.62 15.32
CA LEU A 78 10.44 16.89 14.14
C LEU A 78 11.53 15.91 13.72
N MET A 79 11.17 14.63 13.70
CA MET A 79 12.13 13.56 13.47
C MET A 79 11.88 12.77 12.20
N ASP A 80 12.94 12.20 11.65
CA ASP A 80 12.84 11.23 10.56
C ASP A 80 13.29 9.86 11.05
N ALA A 81 12.41 8.87 10.94
CA ALA A 81 12.73 7.53 11.41
C ALA A 81 13.63 6.80 10.42
N ASN A 82 14.58 6.04 10.95
CA ASN A 82 15.48 5.21 10.15
C ASN A 82 15.72 3.87 10.85
N TYR A 83 16.26 2.97 9.95
CA TYR A 83 16.78 1.73 10.51
C TYR A 83 18.03 2.02 11.34
N VAL A 84 18.90 2.89 10.84
CA VAL A 84 20.10 3.33 11.52
C VAL A 84 19.70 4.20 12.71
N MET A 85 20.39 5.33 12.87
CA MET A 85 19.95 6.32 13.85
C MET A 85 19.01 7.30 13.16
N ASP A 86 17.94 7.66 13.86
CA ASP A 86 16.95 8.62 13.38
C ASP A 86 17.57 10.00 13.24
N GLU A 87 17.08 10.80 12.36
CA GLU A 87 17.64 12.08 12.15
C GLU A 87 16.74 13.20 12.61
N THR A 88 17.37 14.23 13.15
CA THR A 88 16.64 15.38 13.64
C THR A 88 16.49 16.42 12.53
N LEU A 89 15.25 16.74 12.18
CA LEU A 89 14.97 17.66 11.08
C LEU A 89 14.82 19.09 11.55
N GLY A 90 14.35 19.27 12.77
CA GLY A 90 14.10 20.61 13.28
C GLY A 90 13.56 20.60 14.70
N MET A 91 13.61 21.77 15.34
CA MET A 91 13.12 21.92 16.70
C MET A 91 12.48 23.29 16.86
N ALA A 92 11.33 23.32 17.53
CA ALA A 92 10.64 24.57 17.81
C ALA A 92 10.17 24.59 19.26
N THR A 93 10.26 25.75 19.90
CA THR A 93 9.88 25.87 21.31
C THR A 93 8.60 26.66 21.49
N PHE A 94 7.87 26.35 22.57
CA PHE A 94 6.65 27.07 22.91
C PHE A 94 6.63 27.41 24.41
N PRO A 95 6.61 28.71 24.74
CA PRO A 95 6.50 29.11 26.14
C PRO A 95 5.12 28.79 26.70
N ILE A 96 5.05 27.82 27.59
CA ILE A 96 3.77 27.39 28.15
C ILE A 96 3.19 28.47 29.06
N SER A 97 4.05 29.38 29.51
CA SER A 97 3.60 30.50 30.33
C SER A 97 2.85 31.55 29.52
N SER A 98 2.53 31.23 28.27
CA SER A 98 1.74 32.12 27.43
C SER A 98 0.28 31.66 27.39
N LEU A 99 0.00 30.52 28.00
CA LEU A 99 -1.34 29.97 28.04
C LEU A 99 -2.02 30.27 29.37
N LYS A 100 -3.33 30.44 29.32
CA LYS A 100 -4.14 30.66 30.50
C LYS A 100 -4.92 29.41 30.85
N LEU A 101 -5.29 29.27 32.12
CA LEU A 101 -6.08 28.11 32.54
C LEU A 101 -7.43 28.10 31.84
N GLY A 102 -7.79 26.95 31.28
CA GLY A 102 -9.06 26.81 30.60
C GLY A 102 -8.98 27.15 29.12
N GLU A 103 -7.92 27.83 28.74
CA GLU A 103 -7.71 28.21 27.34
C GLU A 103 -7.31 26.99 26.50
N LYS A 104 -7.89 26.89 25.31
CA LYS A 104 -7.53 25.86 24.34
C LYS A 104 -7.20 26.55 23.01
N LYS A 105 -6.05 26.22 22.44
CA LYS A 105 -5.52 27.01 21.32
C LYS A 105 -4.84 26.17 20.24
N GLU A 106 -5.12 26.48 18.98
CA GLU A 106 -4.45 25.81 17.87
C GLU A 106 -3.20 26.59 17.50
N VAL A 107 -2.06 25.91 17.51
CA VAL A 107 -0.77 26.53 17.24
C VAL A 107 -0.11 25.92 16.01
N GLN A 108 0.43 26.76 15.13
CA GLN A 108 1.14 26.28 13.96
C GLN A 108 2.64 26.60 14.05
N LEU A 109 3.46 25.55 14.10
CA LEU A 109 4.91 25.73 14.17
C LEU A 109 5.53 25.62 12.79
N THR A 110 6.74 26.14 12.66
CA THR A 110 7.43 26.13 11.37
C THR A 110 8.84 25.56 11.53
N PHE A 111 9.21 24.67 10.62
CA PHE A 111 10.54 24.06 10.60
C PHE A 111 11.18 24.27 9.24
N ASN A 112 12.45 24.68 9.24
CA ASN A 112 13.22 24.86 8.02
C ASN A 112 12.54 25.74 6.98
N ASN A 113 11.81 26.74 7.48
CA ASN A 113 11.16 27.79 6.68
C ASN A 113 10.03 27.32 5.75
N VAL A 114 9.96 26.02 5.46
CA VAL A 114 9.00 25.53 4.49
C VAL A 114 8.08 24.45 5.05
N THR A 115 8.45 23.88 6.19
CA THR A 115 7.64 22.84 6.82
C THR A 115 6.76 23.42 7.93
N GLU A 116 5.49 23.05 7.92
CA GLU A 116 4.57 23.50 8.95
C GLU A 116 4.04 22.33 9.77
N MET A 117 3.67 22.62 11.01
CA MET A 117 3.09 21.62 11.89
C MET A 117 1.97 22.23 12.72
N THR A 118 0.85 21.52 12.79
CA THR A 118 -0.30 21.99 13.55
C THR A 118 -0.40 21.26 14.88
N LEU A 119 -0.43 22.05 15.96
CA LEU A 119 -0.61 21.53 17.30
C LEU A 119 -1.86 22.13 17.93
N GLU A 120 -2.43 21.43 18.88
CA GLU A 120 -3.57 21.93 19.65
C GLU A 120 -3.21 21.83 21.12
N LEU A 121 -3.11 22.98 21.77
CA LEU A 121 -2.62 23.04 23.15
C LEU A 121 -3.69 23.55 24.10
N SER A 122 -3.80 22.89 25.25
CA SER A 122 -4.76 23.30 26.26
C SER A 122 -4.15 23.17 27.65
N LEU A 123 -4.66 23.96 28.58
CA LEU A 123 -4.14 23.99 29.94
C LEU A 123 -5.29 24.03 30.94
N GLU A 124 -5.28 23.08 31.88
CA GLU A 124 -6.29 23.00 32.93
C GLU A 124 -5.62 22.75 34.27
N VAL A 125 -6.38 22.92 35.35
CA VAL A 125 -5.90 22.52 36.66
C VAL A 125 -6.29 21.07 36.91
N CYS A 126 -5.58 20.38 37.80
CA CYS A 126 -5.91 19.01 38.16
C CYS A 126 -7.31 18.91 38.75
N SER A 127 -8.00 17.82 38.45
CA SER A 127 -9.33 17.58 39.02
C SER A 127 -9.23 17.03 40.44
N SER B 2 -34.21 11.22 -19.06
CA SER B 2 -33.78 12.47 -18.44
C SER B 2 -32.74 12.24 -17.36
N TYR B 3 -31.85 13.20 -17.17
CA TYR B 3 -30.81 13.11 -16.13
C TYR B 3 -31.28 13.81 -14.87
N SER B 4 -31.64 13.03 -13.85
CA SER B 4 -32.37 13.58 -12.72
C SER B 4 -31.86 13.08 -11.37
N HIS B 5 -30.80 12.28 -11.39
CA HIS B 5 -30.18 11.79 -10.16
C HIS B 5 -28.84 12.46 -9.91
N VAL B 6 -28.68 13.04 -8.71
CA VAL B 6 -27.42 13.67 -8.35
C VAL B 6 -26.58 12.69 -7.55
N PHE B 7 -25.43 12.33 -8.11
CA PHE B 7 -24.52 11.37 -7.48
C PHE B 7 -23.28 12.10 -6.97
N THR B 8 -23.18 12.21 -5.66
CA THR B 8 -22.09 12.95 -5.03
C THR B 8 -21.00 11.99 -4.57
N VAL B 9 -19.76 12.32 -4.92
CA VAL B 9 -18.60 11.53 -4.50
C VAL B 9 -17.58 12.37 -3.76
N THR B 10 -17.32 12.01 -2.52
CA THR B 10 -16.25 12.65 -1.78
C THR B 10 -15.07 11.69 -1.65
N VAL B 11 -13.97 12.04 -2.31
CA VAL B 11 -12.73 11.30 -2.17
C VAL B 11 -12.02 11.80 -0.93
N ARG B 12 -11.95 10.98 0.12
CA ARG B 12 -11.41 11.43 1.40
C ARG B 12 -9.89 11.23 1.45
N LYS B 13 -9.45 9.98 1.47
CA LYS B 13 -8.02 9.69 1.62
C LYS B 13 -7.68 8.28 1.13
N ALA B 14 -6.39 7.99 1.11
CA ALA B 14 -5.89 6.65 0.79
C ALA B 14 -4.77 6.28 1.74
N THR B 15 -4.56 4.98 1.94
CA THR B 15 -3.51 4.52 2.84
C THR B 15 -2.61 3.51 2.15
N ASN B 16 -1.31 3.68 2.34
CA ASN B 16 -0.29 2.81 1.80
C ASN B 16 -0.37 2.66 0.29
N VAL B 17 -0.38 3.81 -0.39
CA VAL B 17 -0.31 3.84 -1.83
C VAL B 17 1.06 3.29 -2.24
N THR B 18 1.11 2.46 -3.28
CA THR B 18 2.38 1.86 -3.69
C THR B 18 2.43 1.56 -5.17
N LYS B 19 3.61 1.69 -5.75
CA LYS B 19 3.86 1.32 -7.13
C LYS B 19 4.52 -0.06 -7.18
N GLY B 20 4.64 -0.67 -6.00
CA GLY B 20 5.40 -1.90 -5.87
C GLY B 20 6.75 -1.63 -5.22
N ALA B 21 7.41 -2.71 -4.81
CA ALA B 21 8.70 -2.61 -4.13
C ALA B 21 9.74 -1.84 -4.92
N ILE B 22 9.92 -2.20 -6.19
CA ILE B 22 10.92 -1.55 -7.04
C ILE B 22 10.48 -0.15 -7.45
N GLY B 23 9.20 0.00 -7.79
CA GLY B 23 8.65 1.28 -8.17
C GLY B 23 8.79 2.33 -7.07
N ASP B 24 8.55 1.92 -5.82
CA ASP B 24 8.64 2.85 -4.69
C ASP B 24 10.09 3.30 -4.46
N MET B 25 11.05 2.41 -4.72
CA MET B 25 12.46 2.77 -4.56
C MET B 25 12.89 3.85 -5.55
N LEU B 26 12.33 3.80 -6.75
CA LEU B 26 12.63 4.79 -7.77
C LEU B 26 11.90 6.11 -7.52
N ASP B 27 10.65 6.01 -7.05
CA ASP B 27 9.78 7.17 -7.00
C ASP B 27 8.70 6.99 -5.95
N THR B 28 8.74 7.84 -4.94
CA THR B 28 7.67 7.87 -3.96
C THR B 28 6.37 8.30 -4.64
N PRO B 29 5.32 7.50 -4.56
CA PRO B 29 4.05 7.83 -5.21
C PRO B 29 3.61 9.27 -4.97
N ASP B 30 3.12 9.92 -6.03
CA ASP B 30 2.60 11.28 -5.96
C ASP B 30 1.13 11.23 -6.37
N PRO B 31 0.28 10.78 -5.45
CA PRO B 31 -1.03 10.25 -5.84
C PRO B 31 -2.12 11.28 -6.09
N TYR B 32 -2.95 10.98 -7.09
CA TYR B 32 -4.25 11.62 -7.23
C TYR B 32 -5.24 10.58 -7.69
N VAL B 33 -6.53 10.93 -7.59
CA VAL B 33 -7.61 10.01 -7.94
C VAL B 33 -8.38 10.57 -9.12
N GLU B 34 -8.81 9.69 -9.99
CA GLU B 34 -9.60 10.07 -11.13
C GLU B 34 -10.95 9.34 -11.11
N LEU B 35 -12.04 10.05 -11.37
CA LEU B 35 -13.37 9.44 -11.32
C LEU B 35 -14.01 9.45 -12.70
N PHE B 36 -14.56 8.31 -13.11
CA PHE B 36 -15.10 8.18 -14.46
C PHE B 36 -16.42 7.42 -14.48
N ILE B 37 -17.46 8.08 -14.98
CA ILE B 37 -18.75 7.43 -15.23
C ILE B 37 -19.10 7.65 -16.69
N PRO B 38 -18.95 6.59 -17.50
CA PRO B 38 -19.18 6.66 -18.95
C PRO B 38 -20.56 7.17 -19.31
N SER B 39 -21.54 6.84 -18.47
CA SER B 39 -22.94 7.20 -18.73
C SER B 39 -23.26 8.64 -18.36
N ALA B 40 -22.36 9.28 -17.63
CA ALA B 40 -22.58 10.65 -17.18
C ALA B 40 -22.19 11.66 -18.25
N PRO B 41 -22.87 12.82 -18.27
CA PRO B 41 -22.58 13.89 -19.22
C PRO B 41 -21.18 14.49 -19.03
N ASP B 42 -20.74 14.67 -17.79
CA ASP B 42 -19.33 15.00 -17.55
C ASP B 42 -18.60 13.73 -17.17
N CYS B 43 -17.99 13.10 -18.15
CA CYS B 43 -17.40 11.77 -18.00
C CYS B 43 -16.30 11.67 -16.93
N ARG B 44 -15.36 12.62 -16.92
CA ARG B 44 -14.12 12.45 -16.17
C ARG B 44 -13.85 13.63 -15.25
N LYS B 45 -13.43 13.32 -14.02
CA LYS B 45 -13.03 14.29 -13.01
C LYS B 45 -11.83 13.75 -12.25
N ARG B 46 -11.14 14.61 -11.51
CA ARG B 46 -9.96 14.17 -10.78
C ARG B 46 -9.68 15.10 -9.60
N THR B 47 -9.02 14.55 -8.59
CA THR B 47 -8.49 15.29 -7.44
C THR B 47 -7.14 15.91 -7.77
N LYS B 48 -6.66 16.76 -6.86
CA LYS B 48 -5.29 17.22 -6.93
C LYS B 48 -4.34 16.07 -6.59
N HIS B 49 -3.07 16.22 -6.94
CA HIS B 49 -2.07 15.25 -6.50
C HIS B 49 -1.29 15.83 -5.32
N PHE B 50 -0.76 14.96 -4.48
CA PHE B 50 0.19 15.37 -3.45
C PHE B 50 1.54 14.71 -3.74
N ASN B 51 2.62 15.48 -3.68
CA ASN B 51 3.94 14.92 -3.93
C ASN B 51 4.42 14.07 -2.75
N ASN B 52 4.94 12.88 -3.06
CA ASN B 52 5.67 12.07 -2.09
C ASN B 52 4.89 11.80 -0.80
N ASP B 53 3.69 11.25 -0.95
CA ASP B 53 2.81 11.01 0.18
C ASP B 53 2.05 9.72 -0.07
N VAL B 54 2.39 8.66 0.65
CA VAL B 54 1.74 7.37 0.44
C VAL B 54 0.43 7.26 1.21
N ASN B 55 0.15 8.23 2.08
CA ASN B 55 -1.18 8.33 2.71
C ASN B 55 -1.77 9.71 2.48
N PRO B 56 -2.19 9.97 1.23
CA PRO B 56 -2.68 11.31 0.91
C PRO B 56 -4.10 11.55 1.44
N VAL B 57 -4.40 12.79 1.76
CA VAL B 57 -5.72 13.20 2.22
C VAL B 57 -6.22 14.30 1.28
N TRP B 58 -7.31 14.05 0.57
CA TRP B 58 -7.81 15.01 -0.43
C TRP B 58 -9.04 15.76 0.04
N ASN B 59 -10.00 15.04 0.62
CA ASN B 59 -11.29 15.60 1.01
C ASN B 59 -11.92 16.47 -0.09
N GLU B 60 -11.91 15.97 -1.32
CA GLU B 60 -12.50 16.69 -2.44
C GLU B 60 -13.83 16.07 -2.84
N THR B 61 -14.83 16.92 -3.08
CA THR B 61 -16.19 16.48 -3.37
C THR B 61 -16.59 16.78 -4.83
N PHE B 62 -17.12 15.77 -5.51
CA PHE B 62 -17.53 15.93 -6.91
C PHE B 62 -19.00 15.56 -7.07
N GLU B 63 -19.67 16.17 -8.05
CA GLU B 63 -21.06 15.84 -8.34
C GLU B 63 -21.27 15.40 -9.78
N PHE B 64 -21.89 14.24 -9.96
CA PHE B 64 -22.28 13.75 -11.28
C PHE B 64 -23.79 13.84 -11.44
N ILE B 65 -24.25 13.98 -12.68
CA ILE B 65 -25.68 13.96 -12.98
C ILE B 65 -26.01 12.70 -13.76
N LEU B 66 -26.91 11.88 -13.23
CA LEU B 66 -27.09 10.52 -13.74
C LEU B 66 -28.49 10.32 -14.31
N ASP B 67 -28.56 9.47 -15.33
CA ASP B 67 -29.83 9.02 -15.89
C ASP B 67 -30.23 7.72 -15.21
N PRO B 68 -31.36 7.65 -14.51
CA PRO B 68 -31.73 6.41 -13.81
C PRO B 68 -31.95 5.23 -14.74
N ASN B 69 -32.18 5.46 -16.04
CA ASN B 69 -32.44 4.41 -17.00
C ASN B 69 -31.21 3.94 -17.75
N GLN B 70 -30.04 4.43 -17.39
CA GLN B 70 -28.81 4.00 -18.06
C GLN B 70 -28.01 3.22 -17.06
N ASP B 71 -27.13 2.36 -17.53
CA ASP B 71 -26.30 1.59 -16.64
C ASP B 71 -25.26 2.57 -16.17
N ASN B 72 -25.18 2.83 -14.88
CA ASN B 72 -24.22 3.76 -14.37
C ASN B 72 -23.24 3.10 -13.45
N VAL B 73 -22.00 3.09 -13.85
CA VAL B 73 -20.96 2.46 -13.06
C VAL B 73 -19.80 3.42 -12.83
N LEU B 74 -19.38 3.54 -11.57
CA LEU B 74 -18.29 4.42 -11.20
C LEU B 74 -16.92 3.73 -11.31
N GLU B 75 -16.03 4.30 -12.10
CA GLU B 75 -14.67 3.79 -12.22
C GLU B 75 -13.71 4.68 -11.46
N VAL B 76 -13.08 4.13 -10.42
CA VAL B 76 -12.13 4.89 -9.63
C VAL B 76 -10.70 4.51 -9.96
N THR B 77 -9.93 5.47 -10.45
CA THR B 77 -8.54 5.18 -10.83
C THR B 77 -7.55 5.88 -9.92
N LEU B 78 -6.68 5.09 -9.31
CA LEU B 78 -5.60 5.62 -8.48
C LEU B 78 -4.38 5.89 -9.34
N MET B 79 -3.96 7.15 -9.39
CA MET B 79 -2.91 7.59 -10.29
C MET B 79 -1.65 8.06 -9.56
N ASP B 80 -0.52 7.99 -10.25
CA ASP B 80 0.72 8.58 -9.80
C ASP B 80 1.12 9.67 -10.78
N ALA B 81 1.24 10.90 -10.28
CA ALA B 81 1.59 12.01 -11.16
C ALA B 81 3.09 12.02 -11.46
N ASN B 82 3.44 12.39 -12.69
CA ASN B 82 4.81 12.51 -13.14
C ASN B 82 4.97 13.75 -14.01
N TYR B 83 6.23 14.15 -14.20
CA TYR B 83 6.54 15.14 -15.22
C TYR B 83 6.30 14.58 -16.60
N VAL B 84 6.70 13.33 -16.82
CA VAL B 84 6.54 12.63 -18.09
C VAL B 84 5.06 12.29 -18.27
N MET B 85 4.75 11.01 -18.37
CA MET B 85 3.38 10.53 -18.37
C MET B 85 3.03 9.95 -17.01
N ASP B 86 1.82 10.24 -16.54
CA ASP B 86 1.35 9.72 -15.26
C ASP B 86 1.15 8.22 -15.34
N GLU B 87 1.30 7.54 -14.21
CA GLU B 87 1.20 6.09 -14.15
C GLU B 87 -0.08 5.63 -13.46
N THR B 88 -0.77 4.68 -14.09
CA THR B 88 -1.96 4.08 -13.51
C THR B 88 -1.56 2.99 -12.52
N LEU B 89 -1.95 3.16 -11.26
CA LEU B 89 -1.58 2.21 -10.22
C LEU B 89 -2.65 1.15 -10.00
N GLY B 90 -3.91 1.52 -10.25
CA GLY B 90 -5.00 0.62 -10.00
C GLY B 90 -6.34 1.19 -10.38
N MET B 91 -7.35 0.32 -10.43
CA MET B 91 -8.69 0.72 -10.79
C MET B 91 -9.68 -0.17 -10.04
N ALA B 92 -10.74 0.46 -9.52
CA ALA B 92 -11.80 -0.26 -8.85
C ALA B 92 -13.14 0.31 -9.29
N THR B 93 -14.13 -0.57 -9.42
CA THR B 93 -15.45 -0.13 -9.87
C THR B 93 -16.50 -0.22 -8.77
N PHE B 94 -17.49 0.67 -8.86
CA PHE B 94 -18.60 0.68 -7.92
C PHE B 94 -19.92 0.75 -8.68
N PRO B 95 -20.77 -0.27 -8.53
CA PRO B 95 -22.11 -0.23 -9.13
C PRO B 95 -22.99 0.78 -8.41
N ILE B 96 -23.30 1.88 -9.07
CA ILE B 96 -24.09 2.95 -8.47
C ILE B 96 -25.54 2.48 -8.24
N SER B 97 -25.93 1.42 -8.95
CA SER B 97 -27.27 0.86 -8.79
C SER B 97 -27.43 0.13 -7.45
N SER B 98 -26.38 0.09 -6.64
CA SER B 98 -26.45 -0.50 -5.32
C SER B 98 -26.91 0.54 -4.31
N LEU B 99 -26.85 1.79 -4.67
CA LEU B 99 -27.28 2.82 -3.78
C LEU B 99 -28.72 3.14 -3.99
N LYS B 100 -29.33 3.76 -3.01
CA LYS B 100 -30.71 4.12 -3.06
C LYS B 100 -30.88 5.53 -2.63
N LEU B 101 -31.88 6.19 -3.17
CA LEU B 101 -32.03 7.60 -2.94
C LEU B 101 -32.06 7.97 -1.52
N GLY B 102 -31.39 9.07 -1.22
CA GLY B 102 -31.35 9.56 0.15
C GLY B 102 -30.27 8.91 0.99
N GLU B 103 -29.75 7.79 0.51
CA GLU B 103 -28.71 7.04 1.21
C GLU B 103 -27.33 7.72 1.07
N LYS B 104 -26.63 7.83 2.19
CA LYS B 104 -25.24 8.29 2.21
C LYS B 104 -24.37 7.20 2.83
N LYS B 105 -23.24 6.90 2.20
CA LYS B 105 -22.49 5.70 2.58
C LYS B 105 -20.97 5.88 2.44
N GLU B 106 -20.23 5.40 3.43
CA GLU B 106 -18.77 5.40 3.37
C GLU B 106 -18.26 4.08 2.81
N VAL B 107 -17.58 4.15 1.69
CA VAL B 107 -17.08 2.98 0.98
C VAL B 107 -15.55 2.93 0.99
N GLN B 108 -14.99 1.77 1.31
CA GLN B 108 -13.54 1.59 1.26
C GLN B 108 -13.13 0.68 0.10
N LEU B 109 -12.33 1.22 -0.82
CA LEU B 109 -11.85 0.45 -1.96
C LEU B 109 -10.45 -0.08 -1.70
N THR B 110 -10.05 -1.08 -2.48
CA THR B 110 -8.74 -1.68 -2.31
C THR B 110 -8.01 -1.80 -3.65
N PHE B 111 -6.74 -1.42 -3.64
CA PHE B 111 -5.91 -1.47 -4.83
C PHE B 111 -4.63 -2.27 -4.54
N ASN B 112 -4.27 -3.16 -5.45
CA ASN B 112 -3.06 -3.98 -5.34
C ASN B 112 -2.93 -4.66 -3.97
N ASN B 113 -4.06 -5.15 -3.46
CA ASN B 113 -4.14 -5.92 -2.21
C ASN B 113 -3.78 -5.17 -0.93
N VAL B 114 -2.87 -4.19 -1.02
CA VAL B 114 -2.32 -3.57 0.17
C VAL B 114 -2.71 -2.09 0.31
N THR B 115 -3.21 -1.50 -0.77
CA THR B 115 -3.60 -0.10 -0.77
C THR B 115 -5.10 0.04 -0.55
N GLU B 116 -5.49 0.94 0.34
CA GLU B 116 -6.91 1.20 0.59
C GLU B 116 -7.26 2.66 0.33
N MET B 117 -8.52 2.90 0.00
CA MET B 117 -9.02 4.24 -0.25
C MET B 117 -10.42 4.40 0.31
N THR B 118 -10.67 5.53 0.95
CA THR B 118 -11.95 5.80 1.58
C THR B 118 -12.75 6.80 0.77
N LEU B 119 -13.96 6.42 0.40
CA LEU B 119 -14.88 7.29 -0.33
C LEU B 119 -16.17 7.45 0.46
N GLU B 120 -16.85 8.57 0.25
CA GLU B 120 -18.17 8.75 0.80
C GLU B 120 -19.13 9.03 -0.35
N LEU B 121 -20.09 8.12 -0.54
CA LEU B 121 -20.99 8.19 -1.68
C LEU B 121 -22.42 8.46 -1.25
N SER B 122 -23.08 9.38 -1.95
CA SER B 122 -24.47 9.67 -1.68
C SER B 122 -25.25 9.84 -2.99
N LEU B 123 -26.55 9.69 -2.90
CA LEU B 123 -27.42 9.75 -4.08
C LEU B 123 -28.73 10.44 -3.72
N GLU B 124 -29.09 11.47 -4.49
CA GLU B 124 -30.31 12.24 -4.26
C GLU B 124 -30.97 12.57 -5.59
N VAL B 125 -32.23 13.02 -5.54
CA VAL B 125 -32.91 13.52 -6.72
C VAL B 125 -32.54 14.99 -6.95
N CYS B 126 -32.77 15.47 -8.18
CA CYS B 126 -32.30 16.80 -8.57
C CYS B 126 -32.95 17.91 -7.76
N SER B 127 -34.28 17.88 -7.63
CA SER B 127 -35.05 18.96 -6.99
C SER B 127 -35.00 20.26 -7.80
N SER C 2 -1.16 -30.81 -35.82
CA SER C 2 -2.14 -29.97 -35.15
C SER C 2 -1.95 -30.01 -33.63
N TYR C 3 -2.26 -28.91 -32.95
CA TYR C 3 -2.16 -28.85 -31.49
C TYR C 3 -3.53 -29.15 -30.88
N SER C 4 -3.69 -30.36 -30.34
CA SER C 4 -5.02 -30.84 -29.99
C SER C 4 -5.10 -31.45 -28.59
N HIS C 5 -4.03 -31.36 -27.81
CA HIS C 5 -4.03 -31.87 -26.45
C HIS C 5 -3.94 -30.76 -25.41
N VAL C 6 -4.87 -30.73 -24.47
CA VAL C 6 -4.84 -29.74 -23.40
C VAL C 6 -4.16 -30.32 -22.18
N PHE C 7 -3.03 -29.71 -21.80
CA PHE C 7 -2.23 -30.17 -20.67
C PHE C 7 -2.36 -29.16 -19.53
N THR C 8 -3.07 -29.55 -18.48
CA THR C 8 -3.34 -28.67 -17.36
C THR C 8 -2.37 -28.93 -16.22
N VAL C 9 -1.77 -27.87 -15.70
CA VAL C 9 -0.84 -27.99 -14.58
C VAL C 9 -1.27 -27.08 -13.42
N THR C 10 -1.57 -27.69 -12.29
CA THR C 10 -1.82 -26.92 -11.08
C THR C 10 -0.60 -27.03 -10.16
N VAL C 11 0.11 -25.92 -10.01
CA VAL C 11 1.17 -25.83 -9.03
C VAL C 11 0.54 -25.53 -7.68
N ARG C 12 0.58 -26.49 -6.76
CA ARG C 12 -0.11 -26.35 -5.48
C ARG C 12 0.78 -25.72 -4.42
N LYS C 13 1.83 -26.42 -4.01
CA LYS C 13 2.70 -25.94 -2.95
C LYS C 13 4.09 -26.57 -2.98
N ALA C 14 4.99 -26.03 -2.15
CA ALA C 14 6.30 -26.62 -1.95
C ALA C 14 6.61 -26.67 -0.45
N THR C 15 7.49 -27.58 -0.05
CA THR C 15 7.87 -27.68 1.36
C THR C 15 9.39 -27.65 1.51
N ASN C 16 9.84 -26.86 2.50
CA ASN C 16 11.26 -26.71 2.82
C ASN C 16 12.10 -26.26 1.63
N VAL C 17 11.70 -25.15 1.04
CA VAL C 17 12.49 -24.52 0.00
C VAL C 17 13.78 -23.99 0.62
N THR C 18 14.92 -24.20 -0.05
CA THR C 18 16.19 -23.76 0.50
C THR C 18 17.19 -23.34 -0.57
N LYS C 19 18.01 -22.34 -0.24
CA LYS C 19 19.11 -21.92 -1.10
C LYS C 19 20.40 -22.55 -0.59
N GLY C 20 20.27 -23.38 0.43
CA GLY C 20 21.43 -23.94 1.11
C GLY C 20 21.62 -23.31 2.47
N ALA C 21 22.53 -23.87 3.26
CA ALA C 21 22.80 -23.40 4.61
C ALA C 21 23.17 -21.92 4.65
N ILE C 22 24.16 -21.53 3.86
CA ILE C 22 24.65 -20.14 3.85
C ILE C 22 23.66 -19.21 3.16
N GLY C 23 23.12 -19.66 2.03
CA GLY C 23 22.14 -18.89 1.29
C GLY C 23 20.92 -18.51 2.11
N ASP C 24 20.43 -19.44 2.93
CA ASP C 24 19.26 -19.17 3.77
C ASP C 24 19.56 -18.15 4.86
N MET C 25 20.80 -18.14 5.34
CA MET C 25 21.21 -17.17 6.36
C MET C 25 21.21 -15.74 5.83
N LEU C 26 21.58 -15.55 4.59
CA LEU C 26 21.57 -14.24 4.02
C LEU C 26 20.21 -13.83 3.51
N ASP C 27 19.40 -14.80 3.07
CA ASP C 27 18.13 -14.46 2.42
C ASP C 27 17.17 -15.61 2.61
N THR C 28 16.01 -15.32 3.20
CA THR C 28 14.98 -16.35 3.26
C THR C 28 14.34 -16.49 1.88
N PRO C 29 14.23 -17.71 1.34
CA PRO C 29 13.72 -17.87 -0.03
C PRO C 29 12.40 -17.15 -0.25
N ASP C 30 12.27 -16.53 -1.42
CA ASP C 30 11.06 -15.82 -1.85
C ASP C 30 10.52 -16.54 -3.09
N PRO C 31 9.90 -17.69 -2.91
CA PRO C 31 9.81 -18.66 -4.02
C PRO C 31 8.67 -18.43 -5.00
N TYR C 32 8.97 -18.69 -6.27
CA TYR C 32 7.94 -18.88 -7.28
C TYR C 32 8.38 -20.01 -8.21
N VAL C 33 7.45 -20.48 -9.04
CA VAL C 33 7.70 -21.59 -9.95
C VAL C 33 7.56 -21.16 -11.39
N GLU C 34 8.46 -21.61 -12.26
CA GLU C 34 8.31 -21.40 -13.70
C GLU C 34 8.08 -22.72 -14.43
N LEU C 35 7.13 -22.72 -15.35
CA LEU C 35 6.81 -23.91 -16.15
C LEU C 35 7.19 -23.68 -17.61
N PHE C 36 7.90 -24.62 -18.21
CA PHE C 36 8.40 -24.45 -19.55
C PHE C 36 8.27 -25.73 -20.38
N ILE C 37 7.51 -25.66 -21.47
CA ILE C 37 7.43 -26.75 -22.44
C ILE C 37 7.90 -26.23 -23.79
N PRO C 38 9.13 -26.58 -24.18
CA PRO C 38 9.78 -26.07 -25.38
C PRO C 38 8.95 -26.26 -26.65
N SER C 39 8.20 -27.35 -26.70
CA SER C 39 7.44 -27.68 -27.91
C SER C 39 6.04 -27.08 -27.90
N ALA C 40 5.69 -26.38 -26.83
CA ALA C 40 4.38 -25.74 -26.73
C ALA C 40 4.42 -24.34 -27.33
N PRO C 41 3.28 -23.87 -27.87
CA PRO C 41 3.17 -22.53 -28.46
C PRO C 41 3.43 -21.40 -27.46
N ASP C 42 2.88 -21.49 -26.25
CA ASP C 42 3.26 -20.55 -25.18
C ASP C 42 4.30 -21.26 -24.34
N CYS C 43 5.57 -20.96 -24.61
CA CYS C 43 6.70 -21.65 -23.98
C CYS C 43 6.75 -21.54 -22.45
N ARG C 44 6.66 -20.33 -21.90
CA ARG C 44 6.99 -20.12 -20.49
C ARG C 44 5.85 -19.48 -19.74
N LYS C 45 5.59 -19.99 -18.53
CA LYS C 45 4.63 -19.44 -17.59
C LYS C 45 5.22 -19.50 -16.19
N ARG C 46 4.59 -18.79 -15.25
CA ARG C 46 5.11 -18.75 -13.88
C ARG C 46 4.01 -18.37 -12.90
N THR C 47 4.21 -18.79 -11.65
CA THR C 47 3.38 -18.40 -10.51
C THR C 47 3.85 -17.06 -9.94
N LYS C 48 3.08 -16.54 -8.99
CA LYS C 48 3.53 -15.41 -8.21
C LYS C 48 4.56 -15.90 -7.20
N HIS C 49 5.27 -14.98 -6.58
CA HIS C 49 6.21 -15.34 -5.56
C HIS C 49 5.63 -14.97 -4.22
N PHE C 50 6.08 -15.62 -3.16
CA PHE C 50 5.72 -15.23 -1.80
C PHE C 50 7.00 -14.85 -1.07
N ASN C 51 7.00 -13.73 -0.37
CA ASN C 51 8.18 -13.32 0.33
C ASN C 51 8.44 -14.10 1.60
N ASN C 52 9.68 -14.47 1.82
CA ASN C 52 10.07 -15.13 3.04
C ASN C 52 9.18 -16.26 3.50
N ASP C 53 9.06 -17.26 2.68
CA ASP C 53 8.18 -18.39 2.99
C ASP C 53 8.79 -19.66 2.41
N VAL C 54 9.28 -20.55 3.27
CA VAL C 54 9.93 -21.76 2.78
C VAL C 54 8.92 -22.87 2.49
N ASN C 55 7.67 -22.67 2.89
CA ASN C 55 6.58 -23.58 2.50
C ASN C 55 5.48 -22.81 1.80
N PRO C 56 5.73 -22.35 0.57
CA PRO C 56 4.74 -21.52 -0.10
C PRO C 56 3.57 -22.35 -0.64
N VAL C 57 2.40 -21.71 -0.70
CA VAL C 57 1.19 -22.32 -1.24
C VAL C 57 0.68 -21.42 -2.36
N TRP C 58 0.71 -21.91 -3.60
CA TRP C 58 0.31 -21.10 -4.74
C TRP C 58 -1.11 -21.41 -5.24
N ASN C 59 -1.42 -22.69 -5.34
CA ASN C 59 -2.68 -23.14 -5.94
C ASN C 59 -3.02 -22.42 -7.26
N GLU C 60 -2.04 -22.33 -8.16
CA GLU C 60 -2.25 -21.67 -9.44
C GLU C 60 -2.31 -22.70 -10.57
N THR C 61 -3.30 -22.54 -11.45
CA THR C 61 -3.56 -23.48 -12.54
C THR C 61 -3.18 -22.89 -13.90
N PHE C 62 -2.40 -23.64 -14.68
CA PHE C 62 -2.00 -23.20 -16.01
C PHE C 62 -2.44 -24.22 -17.07
N GLU C 63 -2.62 -23.77 -18.31
CA GLU C 63 -2.98 -24.67 -19.40
C GLU C 63 -2.05 -24.53 -20.60
N PHE C 64 -1.51 -25.65 -21.06
CA PHE C 64 -0.68 -25.69 -22.27
C PHE C 64 -1.41 -26.40 -23.39
N ILE C 65 -1.16 -26.00 -24.62
CA ILE C 65 -1.72 -26.66 -25.78
C ILE C 65 -0.63 -27.46 -26.49
N LEU C 66 -0.83 -28.77 -26.61
CA LEU C 66 0.25 -29.66 -27.02
C LEU C 66 -0.05 -30.33 -28.36
N ASP C 67 1.02 -30.61 -29.10
CA ASP C 67 0.94 -31.39 -30.33
C ASP C 67 1.30 -32.83 -30.01
N PRO C 68 0.41 -33.80 -30.21
CA PRO C 68 0.71 -35.18 -29.79
C PRO C 68 1.87 -35.81 -30.54
N ASN C 69 2.28 -35.24 -31.66
CA ASN C 69 3.36 -35.79 -32.49
C ASN C 69 4.73 -35.17 -32.20
N GLN C 70 4.79 -34.28 -31.22
CA GLN C 70 6.06 -33.67 -30.86
C GLN C 70 6.45 -34.20 -29.51
N ASP C 71 7.73 -34.19 -29.24
CA ASP C 71 8.24 -34.66 -27.98
C ASP C 71 7.94 -33.53 -27.01
N ASN C 72 7.09 -33.80 -26.03
CA ASN C 72 6.74 -32.79 -25.08
C ASN C 72 7.17 -33.09 -23.68
N VAL C 73 8.05 -32.26 -23.18
CA VAL C 73 8.59 -32.45 -21.82
C VAL C 73 8.38 -31.20 -20.99
N LEU C 74 7.85 -31.38 -19.78
CA LEU C 74 7.62 -30.27 -18.85
C LEU C 74 8.86 -29.97 -18.01
N GLU C 75 9.32 -28.73 -18.06
CA GLU C 75 10.44 -28.29 -17.22
C GLU C 75 9.95 -27.42 -16.09
N VAL C 76 10.12 -27.90 -14.86
CA VAL C 76 9.67 -27.16 -13.69
C VAL C 76 10.86 -26.52 -12.97
N THR C 77 10.90 -25.20 -12.96
CA THR C 77 12.00 -24.49 -12.32
C THR C 77 11.56 -23.80 -11.04
N LEU C 78 12.23 -24.12 -9.95
CA LEU C 78 11.99 -23.49 -8.67
C LEU C 78 12.88 -22.27 -8.52
N MET C 79 12.26 -21.10 -8.35
CA MET C 79 12.98 -19.83 -8.38
C MET C 79 12.93 -19.09 -7.04
N ASP C 80 13.95 -18.28 -6.79
CA ASP C 80 13.95 -17.31 -5.69
C ASP C 80 13.91 -15.90 -6.25
N ALA C 81 12.88 -15.14 -5.87
CA ALA C 81 12.72 -13.81 -6.40
C ALA C 81 13.66 -12.84 -5.69
N ASN C 82 14.25 -11.93 -6.46
CA ASN C 82 15.06 -10.87 -5.90
C ASN C 82 14.73 -9.53 -6.55
N TYR C 83 15.20 -8.45 -5.93
CA TYR C 83 15.19 -7.16 -6.59
C TYR C 83 16.18 -7.16 -7.75
N VAL C 84 17.35 -7.75 -7.54
CA VAL C 84 18.39 -7.87 -8.54
C VAL C 84 17.94 -8.84 -9.64
N MET C 85 18.73 -9.88 -9.87
CA MET C 85 18.30 -11.00 -10.71
C MET C 85 17.85 -12.15 -9.81
N ASP C 86 16.76 -12.79 -10.19
CA ASP C 86 16.26 -13.95 -9.46
C ASP C 86 17.23 -15.12 -9.55
N GLU C 87 17.23 -15.97 -8.55
CA GLU C 87 18.13 -17.11 -8.49
C GLU C 87 17.43 -18.43 -8.79
N THR C 88 18.08 -19.26 -9.59
CA THR C 88 17.56 -20.59 -9.90
C THR C 88 17.97 -21.57 -8.81
N LEU C 89 16.99 -22.14 -8.11
CA LEU C 89 17.27 -23.06 -7.02
C LEU C 89 17.31 -24.52 -7.47
N GLY C 90 16.50 -24.86 -8.47
CA GLY C 90 16.42 -26.24 -8.91
C GLY C 90 15.57 -26.42 -10.16
N MET C 91 15.72 -27.56 -10.80
CA MET C 91 14.94 -27.89 -11.99
C MET C 91 14.58 -29.35 -11.99
N ALA C 92 13.40 -29.67 -12.48
CA ALA C 92 12.94 -31.06 -12.58
C ALA C 92 12.08 -31.24 -13.82
N THR C 93 12.26 -32.37 -14.51
CA THR C 93 11.51 -32.67 -15.72
C THR C 93 10.39 -33.67 -15.46
N PHE C 94 9.36 -33.56 -16.28
CA PHE C 94 8.29 -34.55 -16.30
C PHE C 94 7.95 -34.92 -17.74
N PRO C 95 8.13 -36.19 -18.11
CA PRO C 95 7.71 -36.64 -19.43
C PRO C 95 6.20 -36.66 -19.55
N ILE C 96 5.64 -35.76 -20.34
CA ILE C 96 4.19 -35.66 -20.50
C ILE C 96 3.66 -36.88 -21.26
N SER C 97 4.54 -37.59 -21.95
CA SER C 97 4.15 -38.80 -22.67
C SER C 97 3.86 -39.96 -21.71
N SER C 98 4.08 -39.74 -20.42
CA SER C 98 3.78 -40.75 -19.41
C SER C 98 2.33 -40.66 -18.97
N LEU C 99 1.66 -39.58 -19.36
CA LEU C 99 0.25 -39.41 -19.03
C LEU C 99 -0.62 -39.87 -20.19
N LYS C 100 -1.83 -40.31 -19.87
CA LYS C 100 -2.78 -40.72 -20.88
C LYS C 100 -4.03 -39.84 -20.80
N LEU C 101 -4.80 -39.80 -21.88
CA LEU C 101 -5.93 -38.90 -21.97
C LEU C 101 -6.99 -39.17 -20.91
N GLY C 102 -7.49 -38.11 -20.29
CA GLY C 102 -8.53 -38.24 -19.29
C GLY C 102 -7.99 -38.48 -17.89
N GLU C 103 -6.71 -38.84 -17.82
CA GLU C 103 -6.07 -39.08 -16.54
C GLU C 103 -5.72 -37.78 -15.81
N LYS C 104 -6.03 -37.75 -14.52
CA LYS C 104 -5.62 -36.67 -13.63
C LYS C 104 -4.74 -37.25 -12.54
N LYS C 105 -3.63 -36.59 -12.23
CA LYS C 105 -2.62 -37.21 -11.38
C LYS C 105 -1.86 -36.21 -10.49
N GLU C 106 -1.68 -36.55 -9.23
CA GLU C 106 -0.88 -35.74 -8.32
C GLU C 106 0.58 -36.19 -8.38
N VAL C 107 1.48 -35.25 -8.65
CA VAL C 107 2.90 -35.53 -8.78
C VAL C 107 3.72 -34.75 -7.75
N GLN C 108 4.67 -35.43 -7.10
CA GLN C 108 5.55 -34.76 -6.14
C GLN C 108 6.99 -34.71 -6.65
N LEU C 109 7.49 -33.50 -6.88
CA LEU C 109 8.86 -33.33 -7.36
C LEU C 109 9.81 -33.02 -6.21
N THR C 110 11.09 -33.26 -6.42
CA THR C 110 12.09 -33.01 -5.39
C THR C 110 13.24 -32.17 -5.92
N PHE C 111 13.65 -31.19 -5.13
CA PHE C 111 14.75 -30.30 -5.48
C PHE C 111 15.79 -30.29 -4.37
N ASN C 112 17.06 -30.39 -4.75
CA ASN C 112 18.18 -30.33 -3.80
C ASN C 112 18.02 -31.30 -2.63
N ASN C 113 17.51 -32.50 -2.94
CA ASN C 113 17.36 -33.60 -1.98
C ASN C 113 16.32 -33.39 -0.89
N VAL C 114 16.16 -32.15 -0.42
CA VAL C 114 15.38 -31.90 0.78
C VAL C 114 14.11 -31.07 0.51
N THR C 115 14.02 -30.45 -0.66
CA THR C 115 12.86 -29.66 -1.02
C THR C 115 11.87 -30.48 -1.85
N GLU C 116 10.60 -30.41 -1.49
CA GLU C 116 9.55 -31.10 -2.23
C GLU C 116 8.52 -30.14 -2.81
N MET C 117 7.91 -30.53 -3.92
CA MET C 117 6.88 -29.72 -4.56
C MET C 117 5.75 -30.60 -5.05
N THR C 118 4.52 -30.15 -4.83
CA THR C 118 3.33 -30.91 -5.22
C THR C 118 2.67 -30.27 -6.43
N LEU C 119 2.46 -31.10 -7.47
CA LEU C 119 1.80 -30.67 -8.70
C LEU C 119 0.61 -31.56 -9.01
N GLU C 120 -0.39 -31.04 -9.71
CA GLU C 120 -1.51 -31.85 -10.12
C GLU C 120 -1.52 -31.73 -11.65
N LEU C 121 -1.32 -32.82 -12.37
CA LEU C 121 -1.22 -32.85 -13.83
C LEU C 121 -2.37 -33.62 -14.44
N SER C 122 -3.00 -33.04 -15.44
CA SER C 122 -4.08 -33.70 -16.16
C SER C 122 -3.95 -33.46 -17.65
N LEU C 123 -4.52 -34.35 -18.43
CA LEU C 123 -4.42 -34.32 -19.88
C LEU C 123 -5.74 -34.69 -20.53
N GLU C 124 -6.25 -33.82 -21.39
CA GLU C 124 -7.51 -34.04 -22.11
C GLU C 124 -7.38 -33.61 -23.56
N VAL C 125 -8.33 -34.03 -24.40
CA VAL C 125 -8.38 -33.56 -25.78
C VAL C 125 -9.10 -32.20 -25.85
N CYS C 126 -8.84 -31.46 -26.92
CA CYS C 126 -9.30 -30.07 -27.03
C CYS C 126 -10.82 -29.95 -26.92
N SER C 127 -11.56 -30.83 -27.58
CA SER C 127 -13.02 -30.72 -27.67
C SER C 127 -13.46 -29.49 -28.48
CA CA D . 13.98 7.85 7.02
CA CA E . 11.75 6.91 3.65
CA CA F . 12.22 5.83 0.49
MG MG G . -0.08 12.12 4.28
CAJ HXG H . 18.16 5.91 -3.78
CAL HXG H . 18.36 5.43 -2.36
CAN HXG H . 17.34 4.35 -2.02
CAQ HXG H . 17.09 4.34 -0.53
CAZ HXG H . 15.67 3.97 -0.28
OAF HXG H . 14.89 4.76 0.23
OAV HXG H . 15.19 2.66 -0.60
CAT HXG H . 15.49 1.64 0.33
CBB HXG H . 14.57 1.52 1.55
OAY HXG H . 15.23 0.58 2.38
CBA HXG H . 16.50 1.00 2.91
OAG HXG H . 17.11 0.20 3.55
CAR HXG H . 17.06 2.38 2.68
CAU HXG H . 14.26 2.83 2.31
OAX HXG H . 13.47 2.70 3.50
PBD HXG H . 12.14 3.53 3.80
OAI HXG H . 11.17 3.25 2.76
OAH HXG H . 12.31 5.00 3.93
OAW HXG H . 11.47 3.01 5.08
CAP HXG H . 12.08 2.14 5.96
CAS HXG H . 11.24 2.14 7.21
NBC HXG H . 11.78 3.07 8.19
CAD HXG H . 11.68 4.40 7.65
CAE HXG H . 13.15 2.79 8.51
CAC HXG H . 11.06 2.95 9.42
CA CA I . 5.48 10.15 -9.59
CA CA J . 7.65 11.11 -6.12
CA CA K . 10.74 10.94 -5.02
CAJ HXG L . 16.14 7.56 -7.91
CAL HXG L . 16.91 8.81 -7.52
CAN HXG L . 16.02 10.06 -7.39
CAQ HXG L . 14.91 10.08 -8.43
CAZ HXG L . 13.82 10.97 -7.91
OAF HXG L . 12.73 10.50 -7.67
OAV HXG L . 14.04 12.37 -7.69
CAT HXG L . 13.98 13.25 -8.79
CBB HXG L . 12.69 14.05 -8.94
OAY HXG L . 12.10 13.86 -10.21
CBA HXG L . 12.98 14.26 -11.25
OAG HXG L . 13.51 15.34 -11.16
CAR HXG L . 13.24 13.26 -12.34
CAU HXG L . 11.61 13.66 -7.94
OAX HXG L . 10.28 13.83 -8.42
PBD HXG L . 9.10 13.93 -7.38
OAI HXG L . 9.71 14.18 -6.10
OAH HXG L . 8.30 12.69 -7.25
OAW HXG L . 8.32 15.23 -7.58
CAP HXG L . 7.71 15.58 -8.78
CAS HXG L . 6.29 15.12 -8.67
NBC HXG L . 5.52 15.62 -9.79
CAD HXG L . 4.20 15.06 -9.71
CAE HXG L . 6.05 15.20 -11.06
CAC HXG L . 5.46 17.06 -9.71
CA CA M . 15.28 -13.68 -2.54
CA CA N . 13.89 -12.73 1.42
CA CA O . 14.99 -11.97 4.37
MG MG P . 3.84 -20.88 4.03
CAJ HXG Q . 21.49 -10.24 5.93
CAL HXG Q . 20.80 -9.02 6.49
CAN HXG Q . 19.39 -8.91 5.94
CAQ HXG Q . 19.37 -9.06 4.44
CAZ HXG Q . 17.93 -9.21 4.06
OAF HXG Q . 17.53 -10.19 3.48
OAV HXG Q . 17.02 -8.15 4.40
CAT HXG Q . 16.96 -7.03 3.56
CBB HXG Q . 15.78 -7.08 2.60
OAY HXG Q . 16.03 -6.09 1.61
CBA HXG Q . 17.24 -6.28 0.84
OAG HXG Q . 17.57 -5.39 0.10
CAR HXG Q . 18.07 -7.53 0.98
CAU HXG Q . 15.58 -8.47 1.98
OAX HXG Q . 14.46 -8.57 1.10
PBD HXG Q . 13.35 -9.69 1.23
OAI HXG Q . 12.80 -9.70 2.56
OAH HXG Q . 13.76 -11.08 0.88
OAW HXG Q . 12.16 -9.22 0.39
CAP HXG Q . 12.29 -8.76 -0.91
CAS HXG Q . 11.80 -9.89 -1.78
NBC HXG Q . 11.59 -9.43 -3.13
CAD HXG Q . 11.16 -10.55 -3.93
CAE HXG Q . 12.82 -8.94 -3.71
CAC HXG Q . 10.57 -8.41 -3.16
#